data_5XBJ
#
_entry.id   5XBJ
#
_cell.length_a   49.501
_cell.length_b   123.552
_cell.length_c   92.540
_cell.angle_alpha   90.00
_cell.angle_beta   90.00
_cell.angle_gamma   90.00
#
_symmetry.space_group_name_H-M   'P 21 21 2'
#
loop_
_entity.id
_entity.type
_entity.pdbx_description
1 polymer 'Flagellar hook-associated protein FlgK'
2 water water
#
_entity_poly.entity_id   1
_entity_poly.type   'polypeptide(L)'
_entity_poly.pdbx_seq_one_letter_code
;DEYSYYKLKGASTQLEYTKYMASTLQEIAQRFPDLQNTGILQDLENYNKAWNDFASNPNENATKIALVKASQTLTESVNN
TFATLDKIQKKVNDDIKNTVDEINRIGEEIATINKQIYGQEALPTEHANELRDRRDELELTLSKLVSAVASKNEINQDNR
LDTTITDPGHQYNLSIEGFSIVDGINFHPLKLDYDDKNKSYSIYYETPDEKVRDLTAKISGGQLGAQLDLRGRNYSKSEG
KYEDGIIQGYMDSLDTFAKTMINETNNLYASSAKSSVTSDYLSGLKGDIPLVNYDRTIQPGSFDIVIYDDKGDKKLTKTI
TIDVNTTMNDIMRQINANTDDNDNKNSNDDVDDHINASFSYDAKTGDGLFQINAKSGFKVAIEDKGTNFAGAFSIGGFFS
GTDASDMKVKDSILNDPSTVRASSNGVDSGNDMANKIIQLQYKKVNFYNEDGTIDNLTMEEYYRKLTGKIASDGENNNVV
NSSNETLYNSVYSEYQSKSGVNTNEELAALI
;
_entity_poly.pdbx_strand_id   A
#
# COMPACT_ATOMS: atom_id res chain seq x y z
N ASP A 1 -21.83 -1.61 -41.70
CA ASP A 1 -20.51 -0.99 -41.61
C ASP A 1 -20.43 -0.06 -40.40
N GLU A 2 -21.58 0.50 -40.02
CA GLU A 2 -21.66 1.25 -38.76
C GLU A 2 -21.70 0.31 -37.56
N TYR A 3 -22.24 -0.90 -37.73
CA TYR A 3 -22.31 -1.83 -36.61
C TYR A 3 -20.94 -2.42 -36.28
N SER A 4 -20.17 -2.78 -37.30
CA SER A 4 -18.83 -3.30 -37.04
C SER A 4 -17.93 -2.22 -36.45
N TYR A 5 -18.15 -0.96 -36.84
CA TYR A 5 -17.46 0.16 -36.21
C TYR A 5 -17.83 0.27 -34.74
N TYR A 6 -19.08 -0.04 -34.39
CA TYR A 6 -19.44 -0.12 -32.98
C TYR A 6 -18.67 -1.23 -32.28
N LYS A 7 -18.47 -2.36 -32.97
CA LYS A 7 -17.69 -3.45 -32.41
C LYS A 7 -16.21 -3.09 -32.32
N LEU A 8 -15.72 -2.31 -33.28
CA LEU A 8 -14.31 -1.90 -33.25
C LEU A 8 -14.02 -1.03 -32.03
N LYS A 9 -14.93 -0.11 -31.70
CA LYS A 9 -14.75 0.72 -30.52
C LYS A 9 -14.68 -0.13 -29.25
N GLY A 10 -15.60 -1.09 -29.12
CA GLY A 10 -15.59 -1.94 -27.94
C GLY A 10 -14.36 -2.82 -27.86
N ALA A 11 -13.92 -3.35 -29.02
CA ALA A 11 -12.68 -4.14 -29.06
C ALA A 11 -11.48 -3.29 -28.65
N SER A 12 -11.45 -2.03 -29.09
CA SER A 12 -10.35 -1.14 -28.70
C SER A 12 -10.35 -0.90 -27.20
N THR A 13 -11.54 -0.67 -26.63
CA THR A 13 -11.64 -0.41 -25.20
C THR A 13 -11.09 -1.57 -24.38
N GLN A 14 -11.41 -2.80 -24.78
CA GLN A 14 -10.90 -3.96 -24.05
C GLN A 14 -9.41 -4.14 -24.27
N LEU A 15 -8.95 -4.00 -25.51
CA LEU A 15 -7.53 -4.23 -25.80
C LEU A 15 -6.65 -3.19 -25.12
N GLU A 16 -7.05 -1.91 -25.17
CA GLU A 16 -6.23 -0.87 -24.55
C GLU A 16 -6.21 -1.01 -23.02
N TYR A 17 -7.28 -1.55 -22.44
CA TYR A 17 -7.25 -1.86 -21.01
C TYR A 17 -6.16 -2.88 -20.70
N THR A 18 -6.20 -4.04 -21.36
CA THR A 18 -5.22 -5.07 -21.06
C THR A 18 -3.82 -4.71 -21.55
N LYS A 19 -3.72 -3.84 -22.56
CA LYS A 19 -2.40 -3.40 -23.02
C LYS A 19 -1.73 -2.52 -21.99
N TYR A 20 -2.44 -1.50 -21.48
CA TYR A 20 -1.90 -0.68 -20.41
C TYR A 20 -1.67 -1.52 -19.16
N MET A 21 -2.57 -2.46 -18.88
CA MET A 21 -2.39 -3.35 -17.73
C MET A 21 -1.13 -4.19 -17.88
N ALA A 22 -0.90 -4.73 -19.09
CA ALA A 22 0.29 -5.56 -19.31
C ALA A 22 1.57 -4.76 -19.14
N SER A 23 1.60 -3.54 -19.67
CA SER A 23 2.80 -2.72 -19.57
C SER A 23 3.16 -2.44 -18.11
N THR A 24 2.16 -2.11 -17.29
CA THR A 24 2.43 -1.78 -15.88
C THR A 24 2.79 -3.02 -15.08
N LEU A 25 2.05 -4.12 -15.28
CA LEU A 25 2.34 -5.33 -14.53
C LEU A 25 3.69 -5.92 -14.93
N GLN A 26 4.09 -5.75 -16.20
CA GLN A 26 5.40 -6.25 -16.60
C GLN A 26 6.51 -5.44 -15.95
N GLU A 27 6.33 -4.12 -15.85
CA GLU A 27 7.32 -3.29 -15.19
C GLU A 27 7.44 -3.64 -13.71
N ILE A 28 6.30 -3.83 -13.03
CA ILE A 28 6.32 -4.20 -11.62
C ILE A 28 7.05 -5.54 -11.44
N ALA A 29 6.78 -6.50 -12.33
CA ALA A 29 7.44 -7.80 -12.22
C ALA A 29 8.94 -7.68 -12.43
N GLN A 30 9.37 -6.77 -13.32
CA GLN A 30 10.81 -6.57 -13.48
C GLN A 30 11.42 -6.03 -12.19
N ARG A 31 10.68 -5.22 -11.45
CA ARG A 31 11.15 -4.73 -10.16
C ARG A 31 11.05 -5.79 -9.07
N PHE A 32 10.17 -6.78 -9.21
CA PHE A 32 9.95 -7.81 -8.22
C PHE A 32 10.10 -9.18 -8.85
N PRO A 33 11.32 -9.57 -9.22
CA PRO A 33 11.51 -10.87 -9.87
C PRO A 33 11.15 -11.99 -8.90
N ASP A 34 10.37 -12.96 -9.38
CA ASP A 34 9.99 -14.12 -8.59
C ASP A 34 11.11 -15.16 -8.62
N LEU A 35 12.26 -14.77 -8.07
CA LEU A 35 13.45 -15.60 -8.05
C LEU A 35 14.04 -15.62 -6.65
N GLN A 36 14.56 -16.77 -6.25
CA GLN A 36 15.24 -16.85 -4.97
C GLN A 36 16.52 -16.03 -5.00
N ASN A 37 16.98 -15.61 -3.82
CA ASN A 37 18.30 -15.01 -3.64
C ASN A 37 18.55 -13.82 -4.55
N THR A 38 17.52 -13.01 -4.82
CA THR A 38 17.68 -11.75 -5.51
C THR A 38 17.02 -10.63 -4.72
N GLY A 39 17.61 -9.45 -4.79
CA GLY A 39 17.00 -8.29 -4.16
C GLY A 39 16.91 -8.45 -2.65
N ILE A 40 15.70 -8.23 -2.13
CA ILE A 40 15.48 -8.28 -0.68
C ILE A 40 15.82 -9.66 -0.14
N LEU A 41 15.52 -10.71 -0.90
CA LEU A 41 15.82 -12.07 -0.44
C LEU A 41 17.31 -12.26 -0.27
N GLN A 42 18.12 -11.66 -1.15
CA GLN A 42 19.57 -11.74 -0.98
C GLN A 42 20.04 -10.93 0.22
N ASP A 43 19.47 -9.73 0.43
CA ASP A 43 19.81 -8.95 1.62
C ASP A 43 19.30 -9.63 2.88
N LEU A 44 18.14 -10.28 2.81
CA LEU A 44 17.63 -11.00 3.96
C LEU A 44 18.53 -12.18 4.33
N GLU A 45 19.10 -12.85 3.32
CA GLU A 45 20.02 -13.95 3.58
C GLU A 45 21.32 -13.46 4.20
N ASN A 46 21.88 -12.38 3.65
CA ASN A 46 23.09 -11.81 4.24
C ASN A 46 22.82 -11.28 5.64
N TYR A 47 21.59 -10.84 5.90
CA TYR A 47 21.23 -10.40 7.24
C TYR A 47 21.19 -11.57 8.22
N ASN A 48 20.60 -12.70 7.82
CA ASN A 48 20.51 -13.83 8.72
C ASN A 48 21.87 -14.48 8.95
N LYS A 49 22.72 -14.52 7.92
CA LYS A 49 24.09 -14.99 8.11
C LYS A 49 24.84 -14.09 9.08
N ALA A 50 24.58 -12.78 9.02
CA ALA A 50 25.22 -11.87 9.97
C ALA A 50 24.77 -12.14 11.40
N TRP A 51 23.50 -12.50 11.59
CA TRP A 51 23.06 -12.94 12.92
C TRP A 51 23.79 -14.21 13.32
N ASN A 52 24.06 -15.11 12.36
CA ASN A 52 24.74 -16.35 12.68
C ASN A 52 26.20 -16.11 13.06
N ASP A 53 26.87 -15.23 12.33
CA ASP A 53 28.25 -14.87 12.69
C ASP A 53 28.30 -14.24 14.06
N PHE A 54 27.31 -13.42 14.40
CA PHE A 54 27.29 -12.75 15.70
C PHE A 54 27.01 -13.75 16.82
N ALA A 55 26.06 -14.66 16.61
CA ALA A 55 25.79 -15.68 17.62
C ALA A 55 26.98 -16.61 17.83
N SER A 56 27.83 -16.75 16.80
CA SER A 56 29.02 -17.58 16.96
C SER A 56 30.09 -16.89 17.79
N ASN A 57 30.18 -15.56 17.72
CA ASN A 57 31.24 -14.80 18.38
C ASN A 57 30.64 -13.54 18.99
N PRO A 58 29.76 -13.68 19.99
CA PRO A 58 29.00 -12.51 20.47
C PRO A 58 29.83 -11.48 21.21
N ASN A 59 31.03 -11.84 21.67
CA ASN A 59 31.87 -10.87 22.36
C ASN A 59 32.73 -10.05 21.42
N GLU A 60 32.93 -10.51 20.19
CA GLU A 60 33.67 -9.74 19.20
C GLU A 60 32.83 -8.57 18.73
N ASN A 61 33.31 -7.35 19.00
CA ASN A 61 32.56 -6.17 18.58
C ASN A 61 32.54 -6.01 17.07
N ALA A 62 33.43 -6.69 16.34
CA ALA A 62 33.40 -6.62 14.89
C ALA A 62 32.16 -7.30 14.33
N THR A 63 31.71 -8.38 14.96
CA THR A 63 30.50 -9.05 14.47
C THR A 63 29.26 -8.23 14.78
N LYS A 64 29.29 -7.42 15.84
CA LYS A 64 28.21 -6.50 16.10
C LYS A 64 28.13 -5.42 15.02
N ILE A 65 29.28 -4.90 14.60
CA ILE A 65 29.32 -3.91 13.54
C ILE A 65 28.86 -4.51 12.21
N ALA A 66 29.29 -5.73 11.92
CA ALA A 66 28.88 -6.39 10.69
C ALA A 66 27.38 -6.66 10.68
N LEU A 67 26.82 -7.03 11.83
CA LEU A 67 25.39 -7.29 11.92
C LEU A 67 24.59 -6.01 11.68
N VAL A 68 24.95 -4.93 12.36
CA VAL A 68 24.26 -3.65 12.15
C VAL A 68 24.39 -3.21 10.70
N LYS A 69 25.55 -3.42 10.10
CA LYS A 69 25.75 -3.06 8.70
C LYS A 69 24.82 -3.84 7.79
N ALA A 70 24.70 -5.16 8.02
CA ALA A 70 23.82 -5.97 7.17
C ALA A 70 22.35 -5.68 7.45
N SER A 71 22.03 -5.24 8.66
CA SER A 71 20.65 -4.89 8.98
C SER A 71 20.24 -3.58 8.31
N GLN A 72 21.11 -2.58 8.33
CA GLN A 72 20.80 -1.33 7.66
C GLN A 72 20.64 -1.55 6.17
N THR A 73 21.48 -2.42 5.58
CA THR A 73 21.32 -2.76 4.17
C THR A 73 19.96 -3.38 3.90
N LEU A 74 19.50 -4.26 4.79
CA LEU A 74 18.20 -4.89 4.61
C LEU A 74 17.07 -3.86 4.67
N THR A 75 17.01 -3.08 5.75
CA THR A 75 15.92 -2.12 5.90
C THR A 75 15.91 -1.12 4.76
N GLU A 76 17.09 -0.60 4.38
CA GLU A 76 17.15 0.32 3.26
C GLU A 76 16.66 -0.34 1.97
N SER A 77 16.98 -1.63 1.80
CA SER A 77 16.47 -2.37 0.65
C SER A 77 14.95 -2.46 0.71
N VAL A 78 14.39 -2.63 1.91
CA VAL A 78 12.94 -2.62 2.05
C VAL A 78 12.37 -1.24 1.75
N ASN A 79 13.08 -0.18 2.18
CA ASN A 79 12.64 1.18 1.87
C ASN A 79 12.62 1.43 0.36
N ASN A 80 13.71 1.07 -0.32
CA ASN A 80 13.81 1.35 -1.75
C ASN A 80 12.84 0.53 -2.56
N THR A 81 12.60 -0.72 -2.14
CA THR A 81 11.64 -1.56 -2.85
C THR A 81 10.23 -0.99 -2.77
N PHE A 82 9.86 -0.43 -1.61
CA PHE A 82 8.56 0.23 -1.50
C PHE A 82 8.53 1.53 -2.30
N ALA A 83 9.62 2.29 -2.28
CA ALA A 83 9.68 3.51 -3.09
C ALA A 83 9.50 3.21 -4.57
N THR A 84 9.94 2.03 -5.02
CA THR A 84 9.76 1.63 -6.40
C THR A 84 8.27 1.50 -6.75
N LEU A 85 7.49 0.85 -5.87
CA LEU A 85 6.06 0.73 -6.11
C LEU A 85 5.37 2.09 -5.96
N ASP A 86 5.77 2.87 -4.96
CA ASP A 86 5.21 4.21 -4.79
C ASP A 86 5.40 5.05 -6.05
N LYS A 87 6.58 4.95 -6.67
CA LYS A 87 6.88 5.74 -7.86
C LYS A 87 6.02 5.31 -9.04
N ILE A 88 5.78 4.01 -9.18
CA ILE A 88 4.94 3.52 -10.27
C ILE A 88 3.49 3.94 -10.05
N GLN A 89 3.02 3.88 -8.79
CA GLN A 89 1.66 4.32 -8.50
C GLN A 89 1.47 5.81 -8.81
N LYS A 90 2.46 6.63 -8.45
CA LYS A 90 2.39 8.05 -8.79
C LYS A 90 2.46 8.26 -10.30
N LYS A 91 3.20 7.41 -11.01
CA LYS A 91 3.25 7.50 -12.46
C LYS A 91 1.88 7.21 -13.07
N VAL A 92 1.17 6.21 -12.53
CA VAL A 92 -0.18 5.93 -12.99
C VAL A 92 -1.11 7.09 -12.66
N ASN A 93 -0.97 7.67 -11.46
CA ASN A 93 -1.79 8.81 -11.07
C ASN A 93 -1.60 9.98 -12.05
N ASP A 94 -0.37 10.21 -12.49
CA ASP A 94 -0.13 11.26 -13.48
C ASP A 94 -0.73 10.90 -14.83
N ASP A 95 -0.72 9.62 -15.21
CA ASP A 95 -1.34 9.21 -16.46
C ASP A 95 -2.85 9.45 -16.44
N ILE A 96 -3.48 9.30 -15.27
CA ILE A 96 -4.91 9.55 -15.15
C ILE A 96 -5.23 10.98 -15.54
N LYS A 97 -4.46 11.93 -15.01
CA LYS A 97 -4.67 13.33 -15.35
C LYS A 97 -4.51 13.58 -16.85
N ASN A 98 -3.46 13.00 -17.45
CA ASN A 98 -3.24 13.19 -18.88
C ASN A 98 -4.36 12.59 -19.70
N THR A 99 -4.84 11.40 -19.32
CA THR A 99 -5.93 10.76 -20.06
C THR A 99 -7.22 11.57 -19.96
N VAL A 100 -7.51 12.11 -18.77
CA VAL A 100 -8.69 12.94 -18.59
C VAL A 100 -8.57 14.22 -19.42
N ASP A 101 -7.38 14.79 -19.49
CA ASP A 101 -7.16 15.96 -20.33
C ASP A 101 -7.41 15.62 -21.81
N GLU A 102 -6.98 14.44 -22.24
CA GLU A 102 -7.21 14.05 -23.63
C GLU A 102 -8.69 13.78 -23.89
N ILE A 103 -9.39 13.16 -22.94
CA ILE A 103 -10.82 12.93 -23.09
C ILE A 103 -11.55 14.25 -23.29
N ASN A 104 -11.16 15.28 -22.52
CA ASN A 104 -11.83 16.58 -22.63
C ASN A 104 -11.56 17.24 -23.98
N ARG A 105 -10.32 17.17 -24.47
CA ARG A 105 -10.04 17.75 -25.78
C ARG A 105 -10.85 17.06 -26.87
N ILE A 106 -10.97 15.74 -26.80
CA ILE A 106 -11.75 15.00 -27.78
C ILE A 106 -13.21 15.43 -27.73
N GLY A 107 -13.79 15.46 -26.52
CA GLY A 107 -15.19 15.84 -26.40
C GLY A 107 -15.45 17.25 -26.86
N GLU A 108 -14.54 18.17 -26.55
CA GLU A 108 -14.69 19.54 -27.01
C GLU A 108 -14.61 19.65 -28.52
N GLU A 109 -13.69 18.90 -29.13
CA GLU A 109 -13.56 18.93 -30.58
C GLU A 109 -14.76 18.28 -31.26
N ILE A 110 -15.37 17.28 -30.62
CA ILE A 110 -16.59 16.68 -31.16
C ILE A 110 -17.75 17.66 -31.09
N ALA A 111 -17.90 18.34 -29.95
CA ALA A 111 -18.97 19.30 -29.80
C ALA A 111 -18.79 20.49 -30.74
N THR A 112 -17.56 20.88 -31.03
CA THR A 112 -17.32 21.96 -31.98
C THR A 112 -17.66 21.52 -33.41
N ILE A 113 -17.27 20.30 -33.76
CA ILE A 113 -17.67 19.73 -35.05
C ILE A 113 -19.20 19.73 -35.19
N ASN A 114 -19.90 19.34 -34.13
CA ASN A 114 -21.37 19.28 -34.19
C ASN A 114 -21.98 20.66 -34.39
N LYS A 115 -21.31 21.73 -33.99
CA LYS A 115 -21.86 23.06 -34.22
C LYS A 115 -21.89 23.40 -35.71
N GLN A 116 -20.99 22.83 -36.50
CA GLN A 116 -21.07 23.02 -37.95
C GLN A 116 -22.08 22.07 -38.57
N ILE A 117 -22.02 20.79 -38.19
CA ILE A 117 -22.86 19.77 -38.82
C ILE A 117 -24.33 20.05 -38.54
N TYR A 118 -24.67 20.51 -37.34
CA TYR A 118 -26.04 20.85 -36.99
C TYR A 118 -26.27 22.35 -36.94
N GLY A 119 -25.38 23.13 -37.56
CA GLY A 119 -25.54 24.57 -37.57
C GLY A 119 -26.64 25.04 -38.50
N GLN A 120 -26.98 26.32 -38.37
CA GLN A 120 -28.01 26.91 -39.21
C GLN A 120 -27.58 26.98 -40.67
N GLU A 121 -26.30 27.21 -40.92
CA GLU A 121 -25.81 27.37 -42.28
C GLU A 121 -25.75 26.02 -43.01
N ALA A 122 -25.87 26.08 -44.33
CA ALA A 122 -25.73 24.90 -45.17
C ALA A 122 -24.25 24.69 -45.50
N LEU A 123 -23.77 23.47 -45.30
CA LEU A 123 -22.37 23.19 -45.57
C LEU A 123 -22.22 22.45 -46.90
N PRO A 124 -21.10 22.66 -47.60
CA PRO A 124 -20.81 21.82 -48.76
C PRO A 124 -20.81 20.35 -48.36
N THR A 125 -21.29 19.50 -49.28
CA THR A 125 -21.41 18.08 -48.99
C THR A 125 -20.07 17.49 -48.57
N GLU A 126 -18.99 17.86 -49.27
CA GLU A 126 -17.68 17.29 -48.95
C GLU A 126 -17.17 17.74 -47.60
N HIS A 127 -17.39 19.01 -47.25
CA HIS A 127 -16.93 19.49 -45.94
C HIS A 127 -17.74 18.84 -44.82
N ALA A 128 -19.03 18.58 -45.06
CA ALA A 128 -19.85 17.92 -44.04
C ALA A 128 -19.38 16.49 -43.79
N ASN A 129 -18.95 15.79 -44.83
CA ASN A 129 -18.52 14.40 -44.67
C ASN A 129 -17.15 14.29 -44.02
N GLU A 130 -16.25 15.24 -44.29
CA GLU A 130 -14.92 15.19 -43.67
C GLU A 130 -14.99 15.62 -42.21
N LEU A 131 -15.95 16.48 -41.84
CA LEU A 131 -16.20 16.74 -40.44
C LEU A 131 -16.77 15.51 -39.74
N ARG A 132 -17.70 14.80 -40.41
CA ARG A 132 -18.24 13.58 -39.86
C ARG A 132 -17.17 12.49 -39.77
N ASP A 133 -16.27 12.43 -40.76
CA ASP A 133 -15.17 11.48 -40.69
C ASP A 133 -14.26 11.76 -39.50
N ARG A 134 -13.98 13.04 -39.24
CA ARG A 134 -13.14 13.41 -38.11
C ARG A 134 -13.83 13.10 -36.78
N ARG A 135 -15.15 13.27 -36.72
CA ARG A 135 -15.87 12.97 -35.48
C ARG A 135 -15.86 11.48 -35.19
N ASP A 136 -16.03 10.65 -36.22
CA ASP A 136 -15.90 9.20 -36.04
C ASP A 136 -14.49 8.82 -35.65
N GLU A 137 -13.50 9.55 -36.19
CA GLU A 137 -12.11 9.29 -35.80
C GLU A 137 -11.87 9.61 -34.34
N LEU A 138 -12.38 10.76 -33.87
CA LEU A 138 -12.22 11.12 -32.47
C LEU A 138 -12.98 10.17 -31.56
N GLU A 139 -14.18 9.77 -31.97
CA GLU A 139 -14.93 8.77 -31.22
C GLU A 139 -14.14 7.47 -31.06
N LEU A 140 -13.52 7.02 -32.15
CA LEU A 140 -12.73 5.79 -32.08
C LEU A 140 -11.51 5.96 -31.19
N THR A 141 -10.82 7.10 -31.30
CA THR A 141 -9.70 7.39 -30.40
C THR A 141 -10.15 7.43 -28.95
N LEU A 142 -11.35 7.98 -28.70
CA LEU A 142 -11.86 8.05 -27.34
C LEU A 142 -12.00 6.65 -26.73
N SER A 143 -12.39 5.66 -27.55
CA SER A 143 -12.61 4.32 -27.03
C SER A 143 -11.32 3.67 -26.54
N LYS A 144 -10.16 4.12 -27.02
CA LYS A 144 -8.89 3.65 -26.47
C LYS A 144 -8.68 4.11 -25.04
N LEU A 145 -9.42 5.14 -24.61
CA LEU A 145 -9.18 5.79 -23.32
C LEU A 145 -10.21 5.43 -22.26
N VAL A 146 -11.45 5.20 -22.64
CA VAL A 146 -12.55 5.06 -21.67
C VAL A 146 -13.70 4.37 -22.37
N SER A 147 -14.61 3.79 -21.57
CA SER A 147 -15.91 3.33 -22.06
C SER A 147 -16.85 4.52 -22.13
N ALA A 148 -17.16 4.96 -23.35
CA ALA A 148 -18.10 6.05 -23.57
C ALA A 148 -19.24 5.54 -24.46
N VAL A 149 -20.44 6.08 -24.21
CA VAL A 149 -21.63 5.70 -24.96
C VAL A 149 -21.97 6.85 -25.90
N ALA A 150 -21.96 6.57 -27.21
CA ALA A 150 -22.35 7.53 -28.23
C ALA A 150 -23.70 7.11 -28.79
N SER A 151 -24.74 7.90 -28.51
CA SER A 151 -26.08 7.67 -29.02
C SER A 151 -26.35 8.66 -30.14
N LYS A 152 -26.68 8.15 -31.32
CA LYS A 152 -26.76 8.98 -32.52
C LYS A 152 -28.05 8.70 -33.29
N ASN A 153 -28.69 9.78 -33.73
CA ASN A 153 -29.78 9.73 -34.71
C ASN A 153 -29.35 10.51 -35.93
N GLU A 154 -29.37 9.86 -37.09
CA GLU A 154 -28.77 10.44 -38.29
C GLU A 154 -29.80 11.19 -39.12
N ILE A 155 -29.32 12.23 -39.80
CA ILE A 155 -30.18 13.14 -40.54
C ILE A 155 -30.57 12.52 -41.87
N ASN A 156 -31.83 12.70 -42.26
CA ASN A 156 -32.32 12.29 -43.57
C ASN A 156 -32.35 13.51 -44.49
N GLN A 157 -31.69 13.40 -45.64
CA GLN A 157 -31.56 14.50 -46.59
C GLN A 157 -32.71 14.54 -47.60
N ASP A 158 -33.86 13.96 -47.27
CA ASP A 158 -35.05 14.08 -48.12
C ASP A 158 -35.63 15.49 -48.12
N ASN A 159 -35.04 16.41 -47.36
CA ASN A 159 -35.54 17.76 -47.23
C ASN A 159 -36.98 17.73 -46.74
N ARG A 160 -37.89 18.31 -47.52
CA ARG A 160 -39.32 18.24 -47.21
C ARG A 160 -39.59 18.85 -45.82
N LEU A 161 -38.72 19.76 -45.39
CA LEU A 161 -38.80 20.28 -44.02
C LEU A 161 -38.40 21.75 -43.94
N ASP A 162 -37.45 22.18 -44.76
CA ASP A 162 -36.86 23.51 -44.61
C ASP A 162 -37.80 24.61 -45.14
N THR A 163 -37.77 25.79 -44.50
CA THR A 163 -36.82 26.08 -43.42
C THR A 163 -37.37 25.75 -42.03
N THR A 164 -36.74 24.74 -41.40
CA THR A 164 -36.97 24.44 -39.99
C THR A 164 -35.70 24.69 -39.21
N ILE A 165 -35.58 24.10 -38.02
CA ILE A 165 -34.38 24.24 -37.21
C ILE A 165 -34.03 22.89 -36.60
N THR A 166 -32.76 22.69 -36.35
CA THR A 166 -32.22 21.41 -35.93
C THR A 166 -32.14 21.34 -34.41
N ASP A 167 -32.50 20.17 -33.85
CA ASP A 167 -32.36 19.83 -32.45
C ASP A 167 -31.09 19.01 -32.29
N PRO A 168 -29.94 19.65 -32.08
CA PRO A 168 -28.68 18.89 -32.12
C PRO A 168 -28.53 17.89 -30.99
N GLY A 169 -29.10 18.19 -29.82
CA GLY A 169 -29.00 17.26 -28.70
C GLY A 169 -29.65 15.92 -28.97
N HIS A 170 -30.68 15.91 -29.82
CA HIS A 170 -31.31 14.66 -30.21
C HIS A 170 -30.55 13.93 -31.31
N GLN A 171 -29.64 14.61 -32.01
CA GLN A 171 -28.88 13.97 -33.07
C GLN A 171 -27.63 13.27 -32.55
N TYR A 172 -26.97 13.82 -31.53
CA TYR A 172 -25.73 13.25 -31.03
C TYR A 172 -25.61 13.50 -29.54
N ASN A 173 -25.33 12.43 -28.79
CA ASN A 173 -25.04 12.53 -27.37
C ASN A 173 -23.90 11.59 -27.02
N LEU A 174 -22.86 12.13 -26.38
CA LEU A 174 -21.72 11.35 -25.93
C LEU A 174 -21.69 11.40 -24.41
N SER A 175 -21.71 10.23 -23.77
CA SER A 175 -21.81 10.17 -22.32
C SER A 175 -20.76 9.24 -21.74
N ILE A 176 -20.40 9.53 -20.49
CA ILE A 176 -19.50 8.70 -19.70
C ILE A 176 -20.18 8.45 -18.37
N GLU A 177 -20.47 7.19 -18.07
CA GLU A 177 -21.20 6.80 -16.86
C GLU A 177 -22.55 7.50 -16.76
N GLY A 178 -23.18 7.73 -17.91
CA GLY A 178 -24.48 8.35 -17.97
C GLY A 178 -24.47 9.86 -18.09
N PHE A 179 -23.34 10.51 -17.82
CA PHE A 179 -23.26 11.96 -17.84
C PHE A 179 -22.78 12.45 -19.20
N SER A 180 -23.49 13.42 -19.75
CA SER A 180 -23.29 13.85 -21.13
C SER A 180 -22.03 14.69 -21.23
N ILE A 181 -21.00 14.16 -21.90
CA ILE A 181 -19.81 14.94 -22.21
C ILE A 181 -20.07 15.84 -23.41
N VAL A 182 -20.83 15.35 -24.39
CA VAL A 182 -21.27 16.12 -25.54
C VAL A 182 -22.76 15.93 -25.66
N ASP A 183 -23.52 16.99 -25.42
CA ASP A 183 -24.97 17.00 -25.59
C ASP A 183 -25.27 17.87 -26.80
N GLY A 184 -25.42 17.23 -27.96
CA GLY A 184 -25.55 17.98 -29.20
C GLY A 184 -24.33 18.83 -29.46
N ILE A 185 -24.48 20.15 -29.31
CA ILE A 185 -23.39 21.07 -29.58
C ILE A 185 -22.71 21.57 -28.30
N ASN A 186 -23.16 21.11 -27.14
CA ASN A 186 -22.67 21.61 -25.85
C ASN A 186 -21.65 20.64 -25.28
N PHE A 187 -20.52 21.18 -24.81
CA PHE A 187 -19.46 20.39 -24.20
C PHE A 187 -19.53 20.51 -22.68
N HIS A 188 -19.41 19.38 -22.00
CA HIS A 188 -19.35 19.34 -20.54
C HIS A 188 -18.15 18.51 -20.14
N PRO A 189 -17.10 19.12 -19.60
CA PRO A 189 -15.85 18.38 -19.37
C PRO A 189 -15.90 17.50 -18.13
N LEU A 190 -14.94 16.59 -18.07
CA LEU A 190 -14.61 15.92 -16.82
C LEU A 190 -13.72 16.83 -16.00
N LYS A 191 -13.90 16.81 -14.70
CA LYS A 191 -13.18 17.69 -13.78
C LYS A 191 -12.23 16.88 -12.91
N LEU A 192 -11.01 17.39 -12.76
CA LEU A 192 -10.02 16.81 -11.87
C LEU A 192 -9.94 17.62 -10.58
N ASP A 193 -9.67 16.93 -9.48
CA ASP A 193 -9.47 17.59 -8.21
C ASP A 193 -8.72 16.64 -7.28
N TYR A 194 -8.13 17.22 -6.23
CA TYR A 194 -7.45 16.46 -5.20
C TYR A 194 -7.50 17.27 -3.90
N ASP A 195 -7.24 16.59 -2.79
CA ASP A 195 -7.45 17.18 -1.48
C ASP A 195 -6.18 17.27 -0.64
N ASP A 196 -5.30 16.28 -0.72
CA ASP A 196 -4.02 16.33 -0.02
C ASP A 196 -2.91 16.58 -1.02
N LYS A 197 -1.66 16.50 -0.57
CA LYS A 197 -0.55 16.84 -1.44
C LYS A 197 0.04 15.64 -2.18
N ASN A 198 -0.56 14.45 -2.04
CA ASN A 198 -0.26 13.38 -2.99
C ASN A 198 -0.91 13.63 -4.34
N LYS A 199 -1.75 14.67 -4.44
CA LYS A 199 -2.55 14.95 -5.63
C LYS A 199 -3.16 13.66 -6.18
N SER A 200 -3.83 12.95 -5.30
CA SER A 200 -4.61 11.79 -5.70
C SER A 200 -5.79 12.31 -6.50
N TYR A 201 -5.67 12.27 -7.82
CA TYR A 201 -6.68 12.86 -8.69
C TYR A 201 -8.00 12.10 -8.57
N SER A 202 -9.08 12.84 -8.34
CA SER A 202 -10.43 12.33 -8.48
C SER A 202 -11.05 12.93 -9.74
N ILE A 203 -11.96 12.18 -10.35
CA ILE A 203 -12.57 12.56 -11.61
C ILE A 203 -14.04 12.88 -11.34
N TYR A 204 -14.46 14.10 -11.70
CA TYR A 204 -15.78 14.60 -11.41
C TYR A 204 -16.48 15.06 -12.68
N TYR A 205 -17.80 14.95 -12.67
CA TYR A 205 -18.65 15.63 -13.64
C TYR A 205 -19.43 16.70 -12.88
N GLU A 206 -19.24 17.96 -13.27
CA GLU A 206 -19.89 19.07 -12.58
C GLU A 206 -21.04 19.60 -13.41
N THR A 207 -22.17 19.85 -12.76
CA THR A 207 -23.34 20.41 -13.40
C THR A 207 -23.20 21.92 -13.52
N PRO A 208 -24.02 22.56 -14.36
CA PRO A 208 -23.96 24.03 -14.45
C PRO A 208 -24.20 24.73 -13.12
N ASP A 209 -25.01 24.16 -12.22
CA ASP A 209 -25.18 24.72 -10.88
C ASP A 209 -24.14 24.20 -9.90
N GLU A 210 -22.96 23.82 -10.40
CA GLU A 210 -21.77 23.50 -9.59
C GLU A 210 -21.99 22.32 -8.66
N LYS A 211 -22.97 21.46 -8.95
CA LYS A 211 -23.11 20.22 -8.20
C LYS A 211 -22.13 19.17 -8.73
N VAL A 212 -21.67 18.31 -7.83
CA VAL A 212 -20.52 17.46 -8.05
C VAL A 212 -20.98 16.01 -8.14
N ARG A 213 -20.52 15.31 -9.19
CA ARG A 213 -20.79 13.88 -9.38
C ARG A 213 -19.45 13.17 -9.57
N ASP A 214 -18.99 12.47 -8.52
CA ASP A 214 -17.69 11.81 -8.56
C ASP A 214 -17.80 10.52 -9.36
N LEU A 215 -16.87 10.34 -10.31
CA LEU A 215 -16.87 9.18 -11.20
C LEU A 215 -15.70 8.24 -10.95
N THR A 216 -14.86 8.53 -9.95
CA THR A 216 -13.61 7.80 -9.79
C THR A 216 -13.84 6.31 -9.58
N ALA A 217 -14.93 5.94 -8.90
CA ALA A 217 -15.24 4.54 -8.65
C ALA A 217 -16.04 3.88 -9.77
N LYS A 218 -16.55 4.66 -10.73
CA LYS A 218 -17.43 4.12 -11.77
C LYS A 218 -16.81 4.08 -13.16
N ILE A 219 -15.94 5.05 -13.50
CA ILE A 219 -15.33 5.07 -14.82
C ILE A 219 -14.57 3.77 -15.07
N SER A 220 -14.79 3.17 -16.24
CA SER A 220 -14.12 1.93 -16.57
C SER A 220 -13.81 1.91 -18.07
N GLY A 221 -13.04 0.90 -18.47
CA GLY A 221 -12.70 0.68 -19.87
C GLY A 221 -11.47 1.45 -20.30
N GLY A 222 -10.77 0.89 -21.29
CA GLY A 222 -9.64 1.54 -21.91
C GLY A 222 -8.50 1.84 -20.94
N GLN A 223 -7.67 2.81 -21.33
CA GLN A 223 -6.51 3.17 -20.53
C GLN A 223 -6.93 3.74 -19.17
N LEU A 224 -7.99 4.54 -19.14
CA LEU A 224 -8.41 5.16 -17.89
C LEU A 224 -8.93 4.11 -16.92
N GLY A 225 -9.70 3.13 -17.42
CA GLY A 225 -10.15 2.05 -16.55
C GLY A 225 -9.00 1.26 -15.96
N ALA A 226 -7.96 1.02 -16.76
CA ALA A 226 -6.81 0.26 -16.25
C ALA A 226 -5.99 1.10 -15.28
N GLN A 227 -5.80 2.38 -15.58
CA GLN A 227 -5.12 3.28 -14.64
C GLN A 227 -5.84 3.31 -13.30
N LEU A 228 -7.17 3.40 -13.32
CA LEU A 228 -7.91 3.46 -12.07
C LEU A 228 -7.81 2.15 -11.30
N ASP A 229 -7.87 1.01 -11.99
CA ASP A 229 -7.80 -0.27 -11.30
C ASP A 229 -6.39 -0.54 -10.77
N LEU A 230 -5.36 -0.06 -11.47
CA LEU A 230 -3.99 -0.24 -10.99
C LEU A 230 -3.68 0.69 -9.82
N ARG A 231 -4.00 1.97 -9.97
CA ARG A 231 -3.65 2.94 -8.93
C ARG A 231 -4.52 2.80 -7.69
N GLY A 232 -5.82 2.63 -7.88
CA GLY A 232 -6.77 2.67 -6.79
C GLY A 232 -7.79 3.78 -6.99
N ARG A 233 -9.02 3.55 -6.55
CA ARG A 233 -10.09 4.50 -6.82
C ARG A 233 -10.57 5.25 -5.59
N ASN A 234 -10.57 4.63 -4.41
CA ASN A 234 -11.04 5.27 -3.19
C ASN A 234 -9.82 5.71 -2.38
N TYR A 235 -9.48 7.00 -2.47
CA TYR A 235 -8.38 7.54 -1.70
C TYR A 235 -8.84 7.92 -0.29
N SER A 236 -7.94 7.73 0.67
CA SER A 236 -8.21 7.98 2.08
C SER A 236 -7.23 9.02 2.60
N LYS A 237 -7.73 10.22 2.93
CA LYS A 237 -6.85 11.28 3.38
C LYS A 237 -6.31 11.02 4.77
N SER A 238 -7.11 10.37 5.64
CA SER A 238 -6.64 10.04 6.97
C SER A 238 -5.38 9.19 6.90
N GLU A 239 -5.42 8.11 6.12
CA GLU A 239 -4.32 7.17 6.04
C GLU A 239 -3.31 7.51 4.95
N GLY A 240 -3.65 8.42 4.05
CA GLY A 240 -2.71 8.81 3.01
C GLY A 240 -2.40 7.72 2.01
N LYS A 241 -3.35 6.83 1.75
CA LYS A 241 -3.17 5.78 0.75
C LYS A 241 -4.53 5.41 0.19
N TYR A 242 -4.53 4.50 -0.77
CA TYR A 242 -5.76 4.04 -1.40
C TYR A 242 -6.33 2.85 -0.66
N GLU A 243 -7.66 2.74 -0.68
CA GLU A 243 -8.37 1.64 -0.07
C GLU A 243 -8.49 0.43 -0.99
N ASP A 244 -8.04 0.54 -2.23
CA ASP A 244 -8.12 -0.51 -3.22
C ASP A 244 -7.04 -0.25 -4.26
N GLY A 245 -7.01 -1.05 -5.31
CA GLY A 245 -6.03 -0.86 -6.37
C GLY A 245 -5.03 -2.02 -6.39
N ILE A 246 -4.64 -2.43 -7.60
CA ILE A 246 -3.71 -3.53 -7.75
C ILE A 246 -2.34 -3.15 -7.19
N ILE A 247 -1.81 -2.01 -7.62
CA ILE A 247 -0.52 -1.56 -7.11
C ILE A 247 -0.58 -1.33 -5.61
N GLN A 248 -1.67 -0.72 -5.13
CA GLN A 248 -1.84 -0.48 -3.70
C GLN A 248 -1.80 -1.78 -2.93
N GLY A 249 -2.34 -2.86 -3.51
CA GLY A 249 -2.28 -4.16 -2.87
C GLY A 249 -0.88 -4.70 -2.75
N TYR A 250 -0.03 -4.44 -3.74
CA TYR A 250 1.37 -4.85 -3.64
C TYR A 250 2.09 -4.06 -2.56
N MET A 251 1.78 -2.77 -2.44
CA MET A 251 2.42 -1.94 -1.42
C MET A 251 1.99 -2.36 -0.02
N ASP A 252 0.73 -2.77 0.13
CA ASP A 252 0.24 -3.18 1.45
C ASP A 252 0.87 -4.49 1.90
N SER A 253 1.03 -5.45 0.98
CA SER A 253 1.75 -6.68 1.31
C SER A 253 3.19 -6.38 1.68
N LEU A 254 3.81 -5.42 1.00
CA LEU A 254 5.18 -5.05 1.32
C LEU A 254 5.25 -4.41 2.72
N ASP A 255 4.27 -3.59 3.06
CA ASP A 255 4.19 -3.07 4.43
C ASP A 255 3.94 -4.18 5.44
N THR A 256 3.04 -5.13 5.10
CA THR A 256 2.78 -6.23 6.02
C THR A 256 4.02 -7.11 6.19
N PHE A 257 4.82 -7.26 5.13
CA PHE A 257 6.10 -7.95 5.26
C PHE A 257 7.01 -7.25 6.25
N ALA A 258 7.12 -5.93 6.15
CA ALA A 258 7.98 -5.17 7.05
C ALA A 258 7.43 -5.17 8.47
N LYS A 259 6.11 -5.02 8.61
CA LYS A 259 5.48 -4.98 9.92
C LYS A 259 5.71 -6.28 10.69
N THR A 260 5.50 -7.43 10.03
CA THR A 260 5.77 -8.70 10.69
C THR A 260 7.25 -8.87 10.98
N MET A 261 8.11 -8.49 10.04
CA MET A 261 9.55 -8.58 10.26
C MET A 261 9.98 -7.73 11.45
N ILE A 262 9.40 -6.54 11.59
CA ILE A 262 9.67 -5.70 12.74
C ILE A 262 9.14 -6.36 14.01
N ASN A 263 7.89 -6.82 13.97
CA ASN A 263 7.24 -7.39 15.16
C ASN A 263 7.97 -8.64 15.66
N GLU A 264 8.19 -9.61 14.77
CA GLU A 264 8.74 -10.89 15.22
C GLU A 264 10.19 -10.76 15.65
N THR A 265 10.99 -9.94 14.95
CA THR A 265 12.36 -9.72 15.38
C THR A 265 12.41 -8.96 16.70
N ASN A 266 11.57 -7.94 16.85
CA ASN A 266 11.61 -7.14 18.07
C ASN A 266 11.09 -7.92 19.27
N ASN A 267 10.08 -8.77 19.07
CA ASN A 267 9.61 -9.63 20.15
C ASN A 267 10.74 -10.44 20.77
N LEU A 268 11.64 -10.97 19.92
CA LEU A 268 12.75 -11.75 20.43
C LEU A 268 13.81 -10.85 21.07
N TYR A 269 14.23 -9.80 20.35
CA TYR A 269 15.29 -8.95 20.86
C TYR A 269 14.87 -8.20 22.13
N ALA A 270 13.57 -7.98 22.33
CA ALA A 270 13.10 -7.37 23.57
C ALA A 270 13.33 -8.26 24.78
N SER A 271 13.45 -9.57 24.58
CA SER A 271 13.71 -10.50 25.67
C SER A 271 15.18 -10.47 26.12
N SER A 272 16.01 -9.66 25.45
CA SER A 272 17.38 -9.44 25.87
C SER A 272 17.42 -8.27 26.84
N ALA A 273 17.89 -8.50 28.06
CA ALA A 273 17.82 -7.49 29.11
C ALA A 273 18.67 -6.27 28.76
N LYS A 274 18.20 -5.10 29.18
CA LYS A 274 18.86 -3.83 28.90
C LYS A 274 18.70 -2.91 30.10
N SER A 275 19.60 -1.92 30.20
CA SER A 275 19.56 -0.98 31.32
C SER A 275 18.28 -0.15 31.29
N SER A 276 17.81 0.18 30.09
CA SER A 276 16.55 0.88 29.92
C SER A 276 15.99 0.52 28.55
N VAL A 277 14.68 0.57 28.42
CA VAL A 277 14.00 0.33 27.16
C VAL A 277 13.11 1.53 26.87
N THR A 278 13.07 1.94 25.60
CA THR A 278 12.27 3.07 25.17
C THR A 278 11.56 2.69 23.88
N SER A 279 10.26 2.94 23.82
CA SER A 279 9.51 2.69 22.61
C SER A 279 9.87 3.74 21.56
N ASP A 280 9.46 3.46 20.32
CA ASP A 280 9.39 4.52 19.32
C ASP A 280 8.32 5.54 19.74
N TYR A 281 8.31 6.68 19.06
CA TYR A 281 7.18 7.57 19.20
C TYR A 281 5.96 6.92 18.58
N LEU A 282 4.88 6.85 19.35
CA LEU A 282 3.67 6.14 18.95
C LEU A 282 2.64 7.20 18.57
N SER A 283 2.52 7.45 17.28
CA SER A 283 1.68 8.53 16.78
C SER A 283 0.22 8.28 17.15
N GLY A 284 -0.40 9.27 17.78
CA GLY A 284 -1.81 9.18 18.09
C GLY A 284 -2.18 8.20 19.18
N LEU A 285 -1.22 7.72 19.97
CA LEU A 285 -1.52 6.75 21.02
C LEU A 285 -1.86 7.51 22.29
N LYS A 286 -3.13 7.87 22.42
CA LYS A 286 -3.65 8.36 23.68
C LYS A 286 -3.72 7.21 24.69
N GLY A 287 -3.75 7.57 25.97
CA GLY A 287 -3.73 6.56 27.01
C GLY A 287 -5.00 5.74 27.12
N ASP A 288 -6.09 6.16 26.48
CA ASP A 288 -7.38 5.50 26.60
C ASP A 288 -7.75 4.65 25.38
N ILE A 289 -6.91 4.60 24.36
CA ILE A 289 -7.24 3.82 23.16
C ILE A 289 -6.90 2.35 23.43
N PRO A 290 -7.85 1.43 23.22
CA PRO A 290 -7.52 0.00 23.37
C PRO A 290 -6.41 -0.41 22.42
N LEU A 291 -5.44 -1.16 22.95
CA LEU A 291 -4.25 -1.49 22.19
C LEU A 291 -4.57 -2.29 20.93
N VAL A 292 -5.50 -3.24 21.04
CA VAL A 292 -5.85 -4.05 19.86
C VAL A 292 -6.52 -3.21 18.79
N ASN A 293 -7.06 -2.03 19.14
CA ASN A 293 -7.63 -1.12 18.17
C ASN A 293 -6.61 -0.13 17.61
N TYR A 294 -5.53 0.13 18.34
CA TYR A 294 -4.51 1.04 17.84
C TYR A 294 -3.63 0.38 16.79
N ASP A 295 -3.33 -0.90 16.99
CA ASP A 295 -2.43 -1.65 16.11
C ASP A 295 -3.04 -3.03 15.92
N ARG A 296 -3.45 -3.36 14.69
CA ARG A 296 -4.17 -4.61 14.48
C ARG A 296 -3.31 -5.85 14.67
N THR A 297 -2.00 -5.70 14.87
CA THR A 297 -1.15 -6.86 15.14
C THR A 297 -1.04 -7.17 16.62
N ILE A 298 -1.50 -6.26 17.48
CA ILE A 298 -1.52 -6.51 18.92
C ILE A 298 -2.64 -7.51 19.23
N GLN A 299 -2.28 -8.62 19.85
CA GLN A 299 -3.27 -9.65 20.15
C GLN A 299 -3.47 -9.78 21.66
N PRO A 300 -4.66 -10.19 22.09
CA PRO A 300 -4.86 -10.48 23.51
C PRO A 300 -3.90 -11.58 23.99
N GLY A 301 -3.44 -11.42 25.22
CA GLY A 301 -2.51 -12.36 25.81
C GLY A 301 -1.80 -11.70 26.99
N SER A 302 -0.54 -12.09 27.16
CA SER A 302 0.25 -11.51 28.24
C SER A 302 1.71 -11.43 27.83
N PHE A 303 2.45 -10.60 28.56
CA PHE A 303 3.90 -10.56 28.50
C PHE A 303 4.42 -10.33 29.90
N ASP A 304 5.67 -10.73 30.12
CA ASP A 304 6.29 -10.63 31.45
C ASP A 304 7.44 -9.64 31.40
N ILE A 305 7.38 -8.63 32.26
CA ILE A 305 8.54 -7.81 32.55
C ILE A 305 9.50 -8.61 33.42
N VAL A 306 10.74 -8.73 32.97
CA VAL A 306 11.74 -9.58 33.63
C VAL A 306 12.90 -8.70 34.09
N ILE A 307 13.29 -8.85 35.35
CA ILE A 307 14.36 -8.06 35.97
C ILE A 307 15.55 -8.96 36.23
N TYR A 308 16.74 -8.51 35.79
CA TYR A 308 18.00 -9.14 36.11
C TYR A 308 18.89 -8.15 36.84
N ASP A 309 19.83 -8.67 37.61
CA ASP A 309 20.91 -7.84 38.15
C ASP A 309 22.01 -7.70 37.11
N ASP A 310 23.10 -7.03 37.49
CA ASP A 310 24.18 -6.77 36.54
C ASP A 310 25.04 -8.00 36.27
N LYS A 311 24.93 -9.06 37.07
CA LYS A 311 25.65 -10.29 36.79
C LYS A 311 24.83 -11.32 36.03
N GLY A 312 23.54 -11.04 35.80
CA GLY A 312 22.74 -11.82 34.89
C GLY A 312 21.83 -12.87 35.48
N ASP A 313 21.38 -12.69 36.72
CA ASP A 313 20.49 -13.65 37.36
C ASP A 313 19.08 -13.09 37.42
N LYS A 314 18.10 -13.92 37.07
CA LYS A 314 16.70 -13.50 37.04
C LYS A 314 16.22 -13.26 38.46
N LYS A 315 15.79 -12.03 38.74
CA LYS A 315 15.32 -11.67 40.06
C LYS A 315 13.82 -11.50 40.16
N LEU A 316 13.12 -11.32 39.04
CA LEU A 316 11.74 -10.89 39.13
C LEU A 316 10.99 -11.12 37.83
N THR A 317 9.68 -11.30 37.96
CA THR A 317 8.79 -11.46 36.82
C THR A 317 7.43 -10.88 37.18
N LYS A 318 6.96 -9.94 36.38
CA LYS A 318 5.63 -9.34 36.55
C LYS A 318 4.85 -9.54 35.26
N THR A 319 3.76 -10.30 35.35
CA THR A 319 2.94 -10.64 34.18
C THR A 319 1.92 -9.53 33.95
N ILE A 320 1.96 -8.93 32.76
CA ILE A 320 1.01 -7.91 32.36
C ILE A 320 0.10 -8.52 31.29
N THR A 321 -1.21 -8.31 31.44
CA THR A 321 -2.22 -8.97 30.62
C THR A 321 -2.89 -7.96 29.70
N ILE A 322 -3.10 -8.36 28.44
CA ILE A 322 -3.80 -7.56 27.45
C ILE A 322 -5.06 -8.32 27.03
N ASP A 323 -6.21 -7.65 27.15
CA ASP A 323 -7.44 -8.11 26.52
C ASP A 323 -7.91 -7.03 25.53
N VAL A 324 -9.10 -7.22 24.96
CA VAL A 324 -9.57 -6.35 23.90
C VAL A 324 -9.98 -4.97 24.38
N ASN A 325 -9.93 -4.72 25.70
CA ASN A 325 -10.17 -3.38 26.22
C ASN A 325 -8.94 -2.73 26.83
N THR A 326 -7.84 -3.46 26.97
CA THR A 326 -6.64 -2.94 27.63
C THR A 326 -6.06 -1.75 26.87
N THR A 327 -5.97 -0.63 27.56
CA THR A 327 -5.39 0.60 27.04
C THR A 327 -3.98 0.76 27.58
N MET A 328 -3.29 1.81 27.14
CA MET A 328 -1.96 2.08 27.66
C MET A 328 -2.02 2.50 29.12
N ASN A 329 -3.03 3.29 29.49
CA ASN A 329 -3.27 3.58 30.90
C ASN A 329 -3.43 2.29 31.71
N ASP A 330 -4.16 1.33 31.14
CA ASP A 330 -4.33 0.03 31.81
C ASP A 330 -3.00 -0.68 31.98
N ILE A 331 -2.11 -0.58 30.99
CA ILE A 331 -0.78 -1.18 31.12
C ILE A 331 -0.04 -0.55 32.28
N MET A 332 -0.14 0.78 32.42
CA MET A 332 0.53 1.47 33.52
C MET A 332 -0.05 1.07 34.86
N ARG A 333 -1.38 0.95 34.96
CA ARG A 333 -2.00 0.57 36.22
C ARG A 333 -1.52 -0.79 36.69
N GLN A 334 -1.31 -1.71 35.75
CA GLN A 334 -0.79 -3.02 36.11
C GLN A 334 0.68 -2.95 36.49
N ILE A 335 1.47 -2.15 35.77
CA ILE A 335 2.89 -2.05 36.05
C ILE A 335 3.12 -1.37 37.40
N ASN A 336 2.35 -0.33 37.70
CA ASN A 336 2.54 0.47 38.90
C ASN A 336 1.80 -0.08 40.12
N ALA A 337 1.22 -1.27 40.02
CA ALA A 337 0.66 -1.93 41.19
C ALA A 337 1.76 -2.64 41.98
N ASN A 338 1.39 -3.19 43.12
CA ASN A 338 2.34 -3.88 43.98
C ASN A 338 2.08 -5.38 44.04
N THR A 339 1.28 -5.81 45.02
CA THR A 339 1.02 -7.21 45.36
C THR A 339 2.19 -8.13 45.02
N ASP A 340 2.16 -8.73 43.84
CA ASP A 340 3.18 -9.70 43.41
C ASP A 340 3.31 -10.85 44.41
N ASP A 341 2.35 -11.77 44.39
CA ASP A 341 2.38 -12.94 45.27
C ASP A 341 3.19 -14.05 44.59
N ASN A 342 4.49 -14.05 44.84
CA ASN A 342 5.40 -15.02 44.23
C ASN A 342 6.25 -15.68 45.31
N ASP A 343 7.01 -16.71 44.89
CA ASP A 343 7.80 -17.53 45.79
C ASP A 343 9.11 -17.92 45.10
N ASN A 344 9.99 -16.93 44.92
CA ASN A 344 11.29 -17.17 44.31
C ASN A 344 12.28 -17.73 45.34
N LYS A 345 13.48 -17.17 45.38
CA LYS A 345 14.55 -17.62 46.28
C LYS A 345 15.39 -16.42 46.68
N ASN A 346 15.81 -16.32 47.94
CA ASN A 346 15.39 -17.20 49.04
C ASN A 346 15.01 -16.34 50.24
N SER A 347 14.31 -16.94 51.21
CA SER A 347 14.00 -16.31 52.49
C SER A 347 13.14 -15.06 52.32
N ASN A 348 12.22 -15.08 51.34
CA ASN A 348 11.32 -13.95 51.07
C ASN A 348 12.12 -12.68 50.79
N ASP A 349 12.84 -12.71 49.66
CA ASP A 349 13.85 -11.72 49.33
C ASP A 349 13.36 -10.65 48.37
N ASP A 350 12.64 -11.04 47.31
CA ASP A 350 12.15 -10.11 46.31
C ASP A 350 11.41 -8.95 46.96
N VAL A 351 11.80 -7.73 46.63
CA VAL A 351 11.36 -6.55 47.38
C VAL A 351 11.12 -5.38 46.42
N ASP A 352 10.03 -4.66 46.67
CA ASP A 352 9.72 -3.33 46.10
C ASP A 352 9.79 -3.40 44.56
N ASP A 353 10.35 -2.39 43.91
CA ASP A 353 10.44 -2.34 42.45
C ASP A 353 11.81 -1.84 42.03
N HIS A 354 12.34 -2.44 40.97
CA HIS A 354 13.66 -2.10 40.44
C HIS A 354 13.59 -1.37 39.12
N ILE A 355 12.43 -0.80 38.78
CA ILE A 355 12.24 -0.10 37.51
C ILE A 355 11.45 1.18 37.73
N ASN A 356 11.69 2.15 36.85
CA ASN A 356 10.85 3.33 36.72
C ASN A 356 10.19 3.24 35.35
N ALA A 357 8.92 2.83 35.34
CA ALA A 357 8.16 2.73 34.11
C ALA A 357 7.34 3.99 33.92
N SER A 358 7.19 4.40 32.66
CA SER A 358 6.55 5.67 32.36
C SER A 358 5.86 5.61 31.01
N PHE A 359 4.70 6.24 30.93
CA PHE A 359 4.06 6.54 29.66
C PHE A 359 3.74 8.03 29.63
N SER A 360 3.84 8.62 28.45
CA SER A 360 3.51 10.03 28.30
C SER A 360 2.98 10.27 26.90
N TYR A 361 1.94 11.10 26.80
CA TYR A 361 1.41 11.55 25.53
C TYR A 361 1.67 13.04 25.41
N ASP A 362 2.31 13.44 24.31
CA ASP A 362 2.62 14.84 24.06
C ASP A 362 1.52 15.42 23.18
N ALA A 363 0.66 16.25 23.79
CA ALA A 363 -0.46 16.83 23.05
C ALA A 363 -0.01 17.76 21.95
N LYS A 364 1.19 18.31 22.04
CA LYS A 364 1.70 19.17 20.98
C LYS A 364 2.22 18.36 19.80
N THR A 365 2.73 17.15 20.04
CA THR A 365 3.20 16.31 18.93
C THR A 365 2.19 15.27 18.49
N GLY A 366 1.25 14.88 19.34
CA GLY A 366 0.35 13.78 19.01
C GLY A 366 0.97 12.40 19.16
N ASP A 367 2.11 12.29 19.83
CA ASP A 367 2.83 11.04 19.98
C ASP A 367 2.78 10.56 21.43
N GLY A 368 2.68 9.25 21.61
CA GLY A 368 2.86 8.62 22.89
C GLY A 368 4.27 8.08 23.03
N LEU A 369 4.68 7.81 24.27
CA LEU A 369 6.03 7.31 24.53
C LEU A 369 6.01 6.44 25.77
N PHE A 370 6.60 5.26 25.67
CA PHE A 370 6.67 4.29 26.75
C PHE A 370 8.14 4.04 27.09
N GLN A 371 8.45 4.04 28.38
CA GLN A 371 9.82 3.85 28.86
C GLN A 371 9.82 3.00 30.11
N ILE A 372 10.82 2.13 30.23
CA ILE A 372 11.13 1.45 31.48
C ILE A 372 12.62 1.61 31.71
N ASN A 373 13.00 2.33 32.77
CA ASN A 373 14.40 2.50 33.14
C ASN A 373 14.67 1.65 34.38
N ALA A 374 15.48 0.62 34.22
CA ALA A 374 15.90 -0.17 35.36
C ALA A 374 16.88 0.62 36.22
N LYS A 375 16.70 0.54 37.54
CA LYS A 375 17.59 1.25 38.43
C LYS A 375 19.00 0.65 38.38
N SER A 376 19.98 1.46 38.76
CA SER A 376 21.39 1.08 38.67
C SER A 376 21.62 -0.26 39.36
N GLY A 377 22.35 -1.15 38.68
CA GLY A 377 22.53 -2.50 39.15
C GLY A 377 21.53 -3.49 38.62
N PHE A 378 20.68 -3.10 37.66
CA PHE A 378 19.65 -3.98 37.17
C PHE A 378 19.42 -3.74 35.68
N LYS A 379 18.88 -4.75 35.01
CA LYS A 379 18.47 -4.66 33.62
C LYS A 379 17.06 -5.22 33.48
N VAL A 380 16.33 -4.73 32.47
CA VAL A 380 14.94 -5.09 32.26
C VAL A 380 14.78 -5.65 30.85
N ALA A 381 13.98 -6.71 30.72
CA ALA A 381 13.62 -7.27 29.44
C ALA A 381 12.11 -7.53 29.41
N ILE A 382 11.60 -7.88 28.24
CA ILE A 382 10.19 -8.20 28.05
C ILE A 382 10.10 -9.49 27.25
N GLU A 383 9.48 -10.51 27.84
CA GLU A 383 9.23 -11.80 27.19
C GLU A 383 7.74 -11.89 26.87
N ASP A 384 7.41 -11.86 25.58
CA ASP A 384 6.01 -11.80 25.17
C ASP A 384 5.44 -13.21 25.04
N LYS A 385 4.13 -13.32 25.27
CA LYS A 385 3.39 -14.55 25.07
C LYS A 385 2.15 -14.26 24.21
N GLY A 386 2.41 -13.81 22.98
CA GLY A 386 1.39 -13.68 21.95
C GLY A 386 0.92 -12.27 21.65
N THR A 387 1.31 -11.26 22.42
CA THR A 387 0.67 -9.95 22.26
C THR A 387 1.32 -9.06 21.20
N ASN A 388 2.62 -9.23 20.95
CA ASN A 388 3.43 -8.31 20.15
C ASN A 388 3.44 -6.89 20.71
N PHE A 389 3.17 -6.74 22.01
CA PHE A 389 3.14 -5.41 22.62
C PHE A 389 4.49 -4.71 22.46
N ALA A 390 5.56 -5.36 22.94
CA ALA A 390 6.88 -4.75 22.83
C ALA A 390 7.39 -4.72 21.40
N GLY A 391 7.04 -5.74 20.61
CA GLY A 391 7.54 -5.80 19.24
C GLY A 391 6.93 -4.75 18.34
N ALA A 392 5.62 -4.53 18.46
CA ALA A 392 4.97 -3.52 17.62
C ALA A 392 5.38 -2.11 18.02
N PHE A 393 5.55 -1.86 19.32
CA PHE A 393 5.95 -0.56 19.81
C PHE A 393 7.46 -0.41 19.89
N SER A 394 8.21 -1.45 19.51
CA SER A 394 9.68 -1.44 19.48
C SER A 394 10.25 -1.10 20.85
N ILE A 395 9.60 -1.58 21.90
CA ILE A 395 10.12 -1.42 23.26
C ILE A 395 11.29 -2.39 23.42
N GLY A 396 12.50 -1.85 23.53
CA GLY A 396 13.69 -2.69 23.57
C GLY A 396 13.92 -3.47 22.30
N GLY A 397 13.47 -2.93 21.15
CA GLY A 397 13.53 -3.67 19.91
C GLY A 397 14.83 -3.48 19.15
N PHE A 398 14.97 -4.29 18.10
CA PHE A 398 16.10 -4.21 17.18
C PHE A 398 15.78 -3.32 15.98
N PHE A 399 14.53 -3.35 15.52
CA PHE A 399 14.09 -2.53 14.40
C PHE A 399 13.11 -1.48 14.89
N SER A 400 13.12 -0.32 14.22
CA SER A 400 12.09 0.68 14.39
C SER A 400 11.24 0.75 13.13
N GLY A 401 10.01 1.23 13.30
CA GLY A 401 9.14 1.51 12.18
C GLY A 401 7.81 0.77 12.29
N THR A 402 6.95 1.08 11.33
CA THR A 402 5.63 0.47 11.24
C THR A 402 5.31 -0.09 9.87
N ASP A 403 6.08 0.23 8.84
CA ASP A 403 5.80 -0.22 7.48
C ASP A 403 7.11 -0.26 6.71
N ALA A 404 7.02 -0.54 5.41
CA ALA A 404 8.22 -0.71 4.60
C ALA A 404 8.99 0.58 4.37
N SER A 405 8.34 1.75 4.54
CA SER A 405 9.00 3.01 4.24
C SER A 405 9.72 3.62 5.43
N ASP A 406 9.36 3.26 6.67
CA ASP A 406 10.06 3.77 7.85
C ASP A 406 10.82 2.68 8.59
N MET A 407 10.89 1.47 8.04
CA MET A 407 11.64 0.41 8.68
C MET A 407 13.12 0.76 8.73
N LYS A 408 13.71 0.68 9.92
CA LYS A 408 15.13 0.90 10.09
C LYS A 408 15.59 0.21 11.36
N VAL A 409 16.92 0.06 11.49
CA VAL A 409 17.51 -0.37 12.75
C VAL A 409 17.24 0.71 13.79
N LYS A 410 17.03 0.30 15.04
CA LYS A 410 16.82 1.27 16.11
C LYS A 410 18.02 2.20 16.21
N ASP A 411 17.73 3.49 16.43
CA ASP A 411 18.78 4.50 16.34
C ASP A 411 19.90 4.26 17.34
N SER A 412 19.55 3.88 18.58
CA SER A 412 20.59 3.63 19.59
C SER A 412 21.49 2.47 19.20
N ILE A 413 21.01 1.54 18.37
CA ILE A 413 21.86 0.46 17.88
C ILE A 413 22.73 0.93 16.73
N LEU A 414 22.14 1.63 15.76
CA LEU A 414 22.91 2.24 14.69
C LEU A 414 24.03 3.11 15.25
N ASN A 415 23.73 3.90 16.28
CA ASN A 415 24.69 4.87 16.77
C ASN A 415 25.76 4.26 17.66
N ASP A 416 25.53 3.05 18.17
CA ASP A 416 26.52 2.38 19.01
C ASP A 416 26.28 0.88 18.91
N PRO A 417 26.88 0.23 17.91
CA PRO A 417 26.68 -1.22 17.75
C PRO A 417 27.13 -2.04 18.95
N SER A 418 28.01 -1.50 19.81
CA SER A 418 28.43 -2.25 20.98
C SER A 418 27.30 -2.49 21.97
N THR A 419 26.19 -1.75 21.86
CA THR A 419 25.03 -1.99 22.71
C THR A 419 24.26 -3.25 22.33
N VAL A 420 24.59 -3.89 21.21
CA VAL A 420 23.87 -5.08 20.78
C VAL A 420 24.21 -6.25 21.69
N ARG A 421 23.18 -6.99 22.13
CA ARG A 421 23.35 -8.16 22.96
C ARG A 421 22.90 -9.41 22.22
N ALA A 422 23.39 -10.56 22.68
CA ALA A 422 22.99 -11.85 22.16
C ALA A 422 22.29 -12.72 23.18
N SER A 423 22.28 -12.34 24.46
CA SER A 423 21.78 -13.19 25.53
C SER A 423 20.49 -12.64 26.10
N SER A 424 19.74 -13.51 26.78
CA SER A 424 18.51 -13.09 27.43
C SER A 424 18.79 -12.22 28.65
N ASN A 425 19.87 -12.49 29.38
CA ASN A 425 20.11 -11.84 30.66
C ASN A 425 20.86 -10.52 30.53
N GLY A 426 21.24 -10.12 29.32
CA GLY A 426 21.89 -8.85 29.09
C GLY A 426 23.39 -8.86 29.24
N VAL A 427 23.97 -9.92 29.81
CA VAL A 427 25.42 -10.01 29.88
C VAL A 427 25.98 -10.20 28.47
N ASP A 428 27.14 -9.59 28.22
CA ASP A 428 27.79 -9.65 26.91
C ASP A 428 28.59 -10.95 26.81
N SER A 429 27.85 -12.07 26.76
CA SER A 429 28.49 -13.38 26.75
C SER A 429 27.68 -14.45 26.03
N GLY A 430 26.48 -14.75 26.51
CA GLY A 430 25.69 -15.84 25.97
C GLY A 430 25.17 -15.57 24.57
N ASN A 431 24.35 -16.51 24.08
CA ASN A 431 23.75 -16.32 22.76
C ASN A 431 22.36 -16.97 22.63
N ASP A 432 21.65 -17.19 23.74
CA ASP A 432 20.37 -17.88 23.66
C ASP A 432 19.29 -17.03 23.01
N MET A 433 19.42 -15.70 23.01
CA MET A 433 18.44 -14.86 22.34
C MET A 433 18.76 -14.75 20.84
N ALA A 434 20.03 -14.57 20.49
CA ALA A 434 20.39 -14.48 19.08
C ALA A 434 20.07 -15.77 18.33
N ASN A 435 20.22 -16.92 18.99
CA ASN A 435 19.86 -18.18 18.35
C ASN A 435 18.37 -18.21 18.02
N LYS A 436 17.53 -17.58 18.85
CA LYS A 436 16.11 -17.52 18.55
C LYS A 436 15.84 -16.69 17.29
N ILE A 437 16.61 -15.61 17.10
CA ILE A 437 16.43 -14.78 15.92
C ILE A 437 16.94 -15.49 14.67
N ILE A 438 17.99 -16.30 14.80
CA ILE A 438 18.43 -17.14 13.68
C ILE A 438 17.32 -18.10 13.28
N GLN A 439 16.76 -18.82 14.26
CA GLN A 439 15.70 -19.80 13.99
C GLN A 439 14.44 -19.14 13.48
N LEU A 440 14.23 -17.85 13.76
CA LEU A 440 13.01 -17.16 13.34
C LEU A 440 12.83 -17.22 11.82
N GLN A 441 13.93 -17.31 11.06
CA GLN A 441 13.83 -17.37 9.60
C GLN A 441 13.11 -18.61 9.10
N TYR A 442 13.07 -19.68 9.88
CA TYR A 442 12.39 -20.90 9.48
C TYR A 442 10.99 -21.00 10.08
N LYS A 443 10.59 -20.04 10.92
CA LYS A 443 9.38 -20.16 11.69
C LYS A 443 8.18 -19.57 10.94
N LYS A 444 7.06 -20.29 11.00
CA LYS A 444 5.79 -19.80 10.46
C LYS A 444 5.24 -18.73 11.39
N VAL A 445 5.20 -17.49 10.91
CA VAL A 445 4.69 -16.37 11.70
C VAL A 445 3.52 -15.74 10.93
N ASN A 446 2.81 -14.84 11.63
CA ASN A 446 1.58 -14.28 11.11
C ASN A 446 1.82 -12.97 10.35
N PHE A 447 1.10 -12.81 9.25
CA PHE A 447 1.13 -11.59 8.45
C PHE A 447 -0.30 -11.06 8.37
N TYR A 448 -0.55 -9.91 8.98
CA TYR A 448 -1.89 -9.34 9.06
C TYR A 448 -2.14 -8.48 7.82
N ASN A 449 -2.85 -9.03 6.85
CA ASN A 449 -3.04 -8.38 5.57
C ASN A 449 -4.17 -7.35 5.64
N GLU A 450 -4.04 -6.33 4.79
CA GLU A 450 -5.06 -5.29 4.71
C GLU A 450 -6.41 -5.85 4.28
N ASP A 451 -6.42 -6.93 3.50
CA ASP A 451 -7.67 -7.51 3.02
C ASP A 451 -8.44 -8.26 4.10
N GLY A 452 -7.86 -8.45 5.28
CA GLY A 452 -8.52 -9.15 6.36
C GLY A 452 -8.05 -10.57 6.59
N THR A 453 -7.17 -11.10 5.73
CA THR A 453 -6.63 -12.43 5.90
C THR A 453 -5.35 -12.39 6.74
N ILE A 454 -4.99 -13.53 7.31
CA ILE A 454 -3.80 -13.68 8.14
C ILE A 454 -2.97 -14.83 7.56
N ASP A 455 -1.91 -14.49 6.84
CA ASP A 455 -1.00 -15.51 6.32
C ASP A 455 -0.09 -16.02 7.43
N ASN A 456 0.13 -17.33 7.44
CA ASN A 456 1.03 -17.97 8.40
C ASN A 456 2.16 -18.61 7.60
N LEU A 457 3.25 -17.87 7.45
CA LEU A 457 4.37 -18.27 6.60
C LEU A 457 5.67 -17.83 7.25
N THR A 458 6.79 -18.22 6.64
CA THR A 458 8.07 -17.60 6.98
C THR A 458 8.22 -16.29 6.23
N MET A 459 9.19 -15.48 6.66
CA MET A 459 9.46 -14.21 5.99
C MET A 459 9.67 -14.41 4.50
N GLU A 460 10.57 -15.33 4.13
CA GLU A 460 10.86 -15.57 2.73
C GLU A 460 9.64 -16.07 1.98
N GLU A 461 8.88 -17.00 2.58
CA GLU A 461 7.70 -17.54 1.92
C GLU A 461 6.68 -16.46 1.65
N TYR A 462 6.50 -15.52 2.58
CA TYR A 462 5.56 -14.43 2.36
C TYR A 462 6.01 -13.51 1.24
N TYR A 463 7.30 -13.18 1.20
CA TYR A 463 7.79 -12.31 0.13
C TYR A 463 7.67 -13.00 -1.22
N ARG A 464 8.02 -14.28 -1.30
CA ARG A 464 7.89 -14.99 -2.57
C ARG A 464 6.42 -15.12 -2.98
N LYS A 465 5.51 -15.19 -2.00
CA LYS A 465 4.09 -15.19 -2.32
C LYS A 465 3.68 -13.87 -2.97
N LEU A 466 4.32 -12.76 -2.58
CA LEU A 466 4.05 -11.49 -3.23
C LEU A 466 4.57 -11.48 -4.66
N THR A 467 5.83 -11.87 -4.87
CA THR A 467 6.38 -11.87 -6.21
C THR A 467 5.67 -12.89 -7.11
N GLY A 468 5.18 -13.98 -6.52
CA GLY A 468 4.38 -14.92 -7.29
C GLY A 468 3.01 -14.37 -7.64
N LYS A 469 2.42 -13.59 -6.74
CA LYS A 469 1.13 -12.95 -7.02
C LYS A 469 1.27 -11.94 -8.15
N ILE A 470 2.36 -11.17 -8.15
CA ILE A 470 2.60 -10.20 -9.21
C ILE A 470 2.77 -10.91 -10.55
N ALA A 471 3.52 -12.02 -10.56
CA ALA A 471 3.71 -12.76 -11.79
C ALA A 471 2.42 -13.42 -12.26
N SER A 472 1.64 -13.95 -11.31
CA SER A 472 0.36 -14.57 -11.65
C SER A 472 -0.62 -13.56 -12.23
N ASP A 473 -0.62 -12.34 -11.67
CA ASP A 473 -1.49 -11.29 -12.21
C ASP A 473 -1.10 -10.93 -13.63
N GLY A 474 0.20 -10.67 -13.86
CA GLY A 474 0.67 -10.35 -15.18
C GLY A 474 0.42 -11.42 -16.22
N GLU A 475 0.37 -12.69 -15.79
CA GLU A 475 0.12 -13.81 -16.69
C GLU A 475 -1.37 -13.99 -16.97
N ASN A 476 -2.20 -13.92 -15.92
CA ASN A 476 -3.64 -13.95 -16.12
C ASN A 476 -4.09 -12.85 -17.07
N ASN A 477 -3.54 -11.64 -16.91
CA ASN A 477 -3.86 -10.54 -17.80
C ASN A 477 -3.34 -10.79 -19.21
N ASN A 478 -2.21 -11.48 -19.33
CA ASN A 478 -1.69 -11.79 -20.66
C ASN A 478 -2.63 -12.70 -21.42
N VAL A 479 -3.36 -13.58 -20.73
CA VAL A 479 -4.34 -14.43 -21.39
C VAL A 479 -5.50 -13.59 -21.91
N VAL A 480 -6.07 -12.73 -21.06
CA VAL A 480 -7.16 -11.86 -21.50
C VAL A 480 -6.69 -10.92 -22.59
N ASN A 481 -5.46 -10.41 -22.47
CA ASN A 481 -4.91 -9.56 -23.52
C ASN A 481 -4.82 -10.31 -24.84
N SER A 482 -4.30 -11.55 -24.79
CA SER A 482 -4.07 -12.31 -26.01
C SER A 482 -5.37 -12.52 -26.80
N SER A 483 -6.45 -12.89 -26.11
CA SER A 483 -7.73 -13.04 -26.79
C SER A 483 -8.31 -11.69 -27.21
N ASN A 484 -7.95 -10.61 -26.51
CA ASN A 484 -8.42 -9.29 -26.93
C ASN A 484 -7.80 -8.87 -28.25
N GLU A 485 -6.53 -9.24 -28.49
CA GLU A 485 -5.89 -8.91 -29.76
C GLU A 485 -6.54 -9.66 -30.91
N THR A 486 -6.71 -10.97 -30.77
CA THR A 486 -7.37 -11.75 -31.83
C THR A 486 -8.76 -11.22 -32.12
N LEU A 487 -9.53 -10.90 -31.08
CA LEU A 487 -10.85 -10.32 -31.30
C LEU A 487 -10.74 -8.96 -31.97
N TYR A 488 -9.77 -8.15 -31.55
CA TYR A 488 -9.59 -6.84 -32.18
C TYR A 488 -9.26 -6.99 -33.66
N ASN A 489 -8.27 -7.83 -33.98
CA ASN A 489 -7.89 -8.04 -35.37
C ASN A 489 -9.06 -8.57 -36.19
N SER A 490 -9.80 -9.53 -35.64
CA SER A 490 -10.97 -10.07 -36.32
C SER A 490 -12.00 -8.98 -36.59
N VAL A 491 -12.28 -8.14 -35.58
CA VAL A 491 -13.26 -7.07 -35.76
C VAL A 491 -12.71 -5.99 -36.67
N TYR A 492 -11.40 -5.72 -36.58
CA TYR A 492 -10.79 -4.72 -37.46
C TYR A 492 -10.84 -5.17 -38.91
N SER A 493 -10.62 -6.46 -39.17
CA SER A 493 -10.73 -6.96 -40.54
C SER A 493 -12.17 -6.87 -41.04
N GLU A 494 -13.14 -7.19 -40.18
CA GLU A 494 -14.54 -7.05 -40.57
C GLU A 494 -14.90 -5.59 -40.84
N TYR A 495 -14.30 -4.66 -40.07
CA TYR A 495 -14.58 -3.25 -40.31
C TYR A 495 -13.96 -2.78 -41.62
N GLN A 496 -12.76 -3.25 -41.95
CA GLN A 496 -12.14 -2.88 -43.22
C GLN A 496 -12.90 -3.47 -44.39
N SER A 497 -13.35 -4.73 -44.25
CA SER A 497 -14.08 -5.39 -45.33
C SER A 497 -15.40 -4.68 -45.61
N LYS A 498 -16.12 -4.30 -44.57
CA LYS A 498 -17.45 -3.71 -44.72
C LYS A 498 -17.42 -2.23 -45.11
N SER A 499 -16.24 -1.64 -45.29
CA SER A 499 -16.12 -0.28 -45.79
C SER A 499 -15.49 -0.29 -47.18
N GLY A 500 -14.87 0.84 -47.55
CA GLY A 500 -14.19 0.97 -48.83
C GLY A 500 -12.86 0.25 -48.86
#